data_7WWH
#
_entry.id   7WWH
#
_cell.length_a   46.038
_cell.length_b   87.410
_cell.length_c   69.456
_cell.angle_alpha   90.000
_cell.angle_beta   95.970
_cell.angle_gamma   90.000
#
_symmetry.space_group_name_H-M   'P 1 21 1'
#
loop_
_entity.id
_entity.type
_entity.pdbx_description
1 polymer 'Alpha/beta hydrolase'
2 water water
#
_entity_poly.entity_id   1
_entity_poly.type   'polypeptide(L)'
_entity_poly.pdbx_seq_one_letter_code
;MQKAITLTHRGMTLRGMEHIPEKSLDEKVPAVILFHGFTGTKLEPHRLFLKISRALEKQGIASFRFDFLGSGESDGDFEE
MTVSKEIEEAHAIVDFVKRDGRIDPSHIYLLGLSMGGLVASVVAGERPNDVAKLILMAPAGNMYELITETIRQENIDVTA
PYFDHGGNLVGRSFLEDLQTINVFERAKPYDGPVLLIHGTEDDVVPHRVSHLYEQLCYGSRATVHLIEGANHTFDGHRWE
TEVIKTILGFVS
;
_entity_poly.pdbx_strand_id   A,B
#
# COMPACT_ATOMS: atom_id res chain seq x y z
N GLN A 2 15.19 0.02 -8.65
CA GLN A 2 14.89 0.35 -7.27
C GLN A 2 15.32 -0.81 -6.39
N LYS A 3 15.45 -0.52 -5.11
CA LYS A 3 15.95 -1.49 -4.15
C LYS A 3 15.30 -1.22 -2.80
N ALA A 4 14.87 -2.29 -2.14
CA ALA A 4 14.35 -2.15 -0.78
C ALA A 4 15.48 -1.77 0.17
N ILE A 5 15.16 -0.89 1.12
CA ILE A 5 16.15 -0.38 2.06
C ILE A 5 15.54 -0.43 3.46
N THR A 6 16.41 -0.26 4.47
CA THR A 6 15.98 -0.24 5.85
C THR A 6 16.75 0.84 6.60
N LEU A 7 16.14 1.31 7.68
CA LEU A 7 16.77 2.29 8.56
C LEU A 7 16.30 2.04 9.98
N THR A 8 17.24 1.83 10.90
CA THR A 8 16.89 1.62 12.30
C THR A 8 16.69 2.96 13.00
N HIS A 9 15.63 3.05 13.79
CA HIS A 9 15.36 4.25 14.57
C HIS A 9 14.72 3.81 15.87
N ARG A 10 15.35 4.21 16.98
CA ARG A 10 14.89 3.87 18.33
C ARG A 10 14.63 2.36 18.44
N GLY A 11 15.56 1.57 17.91
CA GLY A 11 15.47 0.13 17.99
C GLY A 11 14.47 -0.53 17.07
N MET A 12 13.79 0.23 16.21
CA MET A 12 12.80 -0.32 15.28
C MET A 12 13.24 -0.06 13.84
N THR A 13 12.75 -0.89 12.91
CA THR A 13 13.21 -0.83 11.53
C THR A 13 12.18 -0.13 10.65
N LEU A 14 12.58 0.98 10.02
CA LEU A 14 11.78 1.58 8.96
C LEU A 14 12.13 0.89 7.65
N ARG A 15 11.11 0.58 6.85
CA ARG A 15 11.31 -0.15 5.60
C ARG A 15 10.89 0.73 4.44
N GLY A 16 11.71 0.74 3.38
CA GLY A 16 11.54 1.74 2.33
C GLY A 16 12.00 1.25 0.98
N MET A 17 12.05 2.16 0.00
CA MET A 17 12.63 1.91 -1.31
C MET A 17 13.51 3.08 -1.69
N GLU A 18 14.64 2.79 -2.32
CA GLU A 18 15.44 3.82 -2.98
C GLU A 18 15.39 3.60 -4.49
N HIS A 19 15.50 4.68 -5.23
CA HIS A 19 15.61 4.66 -6.69
C HIS A 19 16.85 5.43 -7.07
N ILE A 20 17.81 4.77 -7.69
CA ILE A 20 19.12 5.36 -7.93
C ILE A 20 19.34 5.43 -9.43
N PRO A 21 19.48 6.62 -10.02
CA PRO A 21 19.53 6.72 -11.48
C PRO A 21 20.92 6.37 -12.01
N GLU A 22 20.93 6.04 -13.32
CA GLU A 22 22.19 5.84 -14.04
C GLU A 22 23.19 6.97 -13.81
N LYS A 23 22.70 8.22 -13.76
CA LYS A 23 23.63 9.33 -13.68
C LYS A 23 24.47 9.29 -12.40
N SER A 24 24.04 8.53 -11.39
CA SER A 24 24.82 8.49 -10.15
C SER A 24 26.22 7.91 -10.37
N LEU A 25 26.43 7.22 -11.48
CA LEU A 25 27.78 6.77 -11.82
C LEU A 25 28.66 7.95 -12.23
N ASP A 26 28.08 8.91 -12.96
CA ASP A 26 28.86 10.06 -13.42
C ASP A 26 29.13 11.03 -12.29
N GLU A 27 28.17 11.22 -11.38
CA GLU A 27 28.27 12.30 -10.42
C GLU A 27 27.24 12.07 -9.32
N LYS A 28 27.43 12.79 -8.22
CA LYS A 28 26.44 12.81 -7.16
C LYS A 28 25.17 13.48 -7.67
N VAL A 29 24.02 12.85 -7.42
CA VAL A 29 22.77 13.30 -8.06
C VAL A 29 21.84 13.93 -7.04
N PRO A 30 20.90 14.78 -7.47
CA PRO A 30 19.85 15.25 -6.56
C PRO A 30 18.99 14.08 -6.09
N ALA A 31 18.26 14.32 -5.01
CA ALA A 31 17.33 13.30 -4.51
C ALA A 31 16.06 13.95 -3.99
N VAL A 32 14.92 13.29 -4.18
CA VAL A 32 13.68 13.64 -3.51
C VAL A 32 13.43 12.62 -2.41
N ILE A 33 13.12 13.09 -1.20
CA ILE A 33 12.68 12.22 -0.12
C ILE A 33 11.17 12.43 0.02
N LEU A 34 10.39 11.35 -0.13
CA LEU A 34 8.94 11.43 -0.11
C LEU A 34 8.40 10.89 1.21
N PHE A 35 7.56 11.70 1.88
CA PHE A 35 6.90 11.31 3.12
C PHE A 35 5.41 11.12 2.91
N HIS A 36 4.89 9.93 3.28
CA HIS A 36 3.51 9.58 3.01
C HIS A 36 2.55 10.18 4.05
N GLY A 37 1.25 10.09 3.74
CA GLY A 37 0.23 10.69 4.57
C GLY A 37 -0.39 9.73 5.58
N PHE A 38 -1.41 10.22 6.27
CA PHE A 38 -2.05 9.56 7.40
C PHE A 38 -2.86 8.35 6.95
N THR A 39 -2.50 7.17 7.47
CA THR A 39 -2.96 5.84 7.04
C THR A 39 -2.49 5.50 5.63
N GLY A 40 -1.67 6.34 5.02
CA GLY A 40 -1.03 6.01 3.77
C GLY A 40 0.23 5.19 3.97
N THR A 41 0.93 4.98 2.85
CA THR A 41 2.15 4.18 2.82
C THR A 41 3.11 4.83 1.84
N LYS A 42 4.34 4.31 1.77
CA LYS A 42 5.34 4.84 0.84
C LYS A 42 4.94 4.69 -0.62
N LEU A 43 3.92 3.91 -0.93
CA LEU A 43 3.46 3.76 -2.30
C LEU A 43 2.37 4.78 -2.65
N GLU A 44 1.45 5.04 -1.70
CA GLU A 44 0.26 5.89 -1.82
C GLU A 44 -0.71 5.30 -2.83
N PRO A 45 -1.96 5.76 -2.91
CA PRO A 45 -2.93 5.11 -3.80
C PRO A 45 -2.48 5.10 -5.25
N HIS A 46 -2.93 4.08 -5.99
CA HIS A 46 -2.61 3.83 -7.39
C HIS A 46 -1.14 4.10 -7.68
N ARG A 47 -0.26 3.62 -6.79
CA ARG A 47 1.19 3.64 -6.96
C ARG A 47 1.76 5.04 -7.18
N LEU A 48 1.04 6.06 -6.71
CA LEU A 48 1.43 7.44 -6.98
C LEU A 48 2.89 7.74 -6.65
N PHE A 49 3.34 7.36 -5.46
CA PHE A 49 4.72 7.71 -5.08
C PHE A 49 5.74 6.93 -5.90
N LEU A 50 5.44 5.67 -6.22
CA LEU A 50 6.33 4.90 -7.08
C LEU A 50 6.40 5.53 -8.47
N LYS A 51 5.27 5.98 -8.98
CA LYS A 51 5.27 6.59 -10.31
C LYS A 51 6.09 7.86 -10.31
N ILE A 52 6.04 8.63 -9.22
CA ILE A 52 6.87 9.81 -9.11
C ILE A 52 8.35 9.42 -9.07
N SER A 53 8.70 8.44 -8.24
CA SER A 53 10.06 7.93 -8.17
C SER A 53 10.58 7.55 -9.56
N ARG A 54 9.78 6.79 -10.31
CA ARG A 54 10.20 6.33 -11.63
C ARG A 54 10.41 7.50 -12.60
N ALA A 55 9.50 8.47 -12.58
CA ALA A 55 9.67 9.63 -13.45
C ALA A 55 10.88 10.47 -13.07
N LEU A 56 11.11 10.65 -11.76
CA LEU A 56 12.29 11.36 -11.30
C LEU A 56 13.56 10.61 -11.72
N GLU A 57 13.55 9.29 -11.58
CA GLU A 57 14.71 8.48 -11.92
C GLU A 57 15.06 8.61 -13.40
N LYS A 58 14.06 8.66 -14.26
CA LYS A 58 14.32 8.83 -15.69
C LYS A 58 14.97 10.17 -16.00
N GLN A 59 14.80 11.15 -15.13
CA GLN A 59 15.38 12.48 -15.30
C GLN A 59 16.70 12.62 -14.57
N GLY A 60 17.28 11.52 -14.08
CA GLY A 60 18.53 11.58 -13.35
C GLY A 60 18.44 12.01 -11.90
N ILE A 61 17.28 11.82 -11.27
CA ILE A 61 17.08 12.25 -9.88
C ILE A 61 16.72 11.02 -9.05
N ALA A 62 17.44 10.81 -7.96
CA ALA A 62 17.23 9.68 -7.07
C ALA A 62 16.03 9.95 -6.17
N SER A 63 15.49 8.90 -5.57
CA SER A 63 14.48 9.16 -4.56
C SER A 63 14.55 8.11 -3.46
N PHE A 64 14.02 8.47 -2.30
CA PHE A 64 13.96 7.62 -1.14
C PHE A 64 12.57 7.77 -0.52
N ARG A 65 11.91 6.65 -0.20
CA ARG A 65 10.62 6.75 0.46
C ARG A 65 10.47 5.59 1.43
N PHE A 66 10.27 5.91 2.70
CA PHE A 66 10.07 4.92 3.74
C PHE A 66 8.63 4.91 4.20
N ASP A 67 8.17 3.74 4.65
CA ASP A 67 7.01 3.71 5.53
C ASP A 67 7.41 4.22 6.91
N PHE A 68 6.67 5.17 7.46
CA PHE A 68 6.92 5.56 8.84
C PHE A 68 6.68 4.37 9.76
N LEU A 69 7.28 4.41 10.95
CA LEU A 69 7.00 3.39 11.94
C LEU A 69 5.49 3.33 12.21
N GLY A 70 4.95 2.12 12.31
CA GLY A 70 3.51 1.94 12.50
C GLY A 70 2.68 1.94 11.23
N SER A 71 3.30 2.19 10.08
CA SER A 71 2.61 2.27 8.82
C SER A 71 3.24 1.32 7.82
N GLY A 72 2.49 0.97 6.77
CA GLY A 72 3.08 0.20 5.68
C GLY A 72 3.80 -1.04 6.17
N GLU A 73 5.01 -1.27 5.65
CA GLU A 73 5.79 -2.45 6.01
C GLU A 73 6.73 -2.24 7.20
N SER A 74 6.73 -1.06 7.81
CA SER A 74 7.74 -0.81 8.83
C SER A 74 7.34 -1.48 10.15
N ASP A 75 8.32 -1.60 11.05
CA ASP A 75 8.03 -2.11 12.40
C ASP A 75 7.05 -1.20 13.12
N GLY A 76 6.36 -1.79 14.10
CA GLY A 76 5.49 -1.04 14.99
C GLY A 76 4.03 -1.12 14.57
N ASP A 77 3.18 -0.60 15.46
CA ASP A 77 1.73 -0.59 15.30
C ASP A 77 1.23 0.83 15.10
N PHE A 78 0.19 0.99 14.26
CA PHE A 78 -0.28 2.33 13.94
C PHE A 78 -0.75 3.10 15.18
N GLU A 79 -1.18 2.39 16.24
CA GLU A 79 -1.75 3.07 17.40
C GLU A 79 -0.72 3.94 18.13
N GLU A 80 0.52 3.57 18.06
CA GLU A 80 1.66 4.32 18.58
C GLU A 80 2.18 5.45 17.73
N MET A 81 1.68 5.61 16.53
CA MET A 81 2.16 6.70 15.70
C MET A 81 1.67 8.04 16.27
N THR A 82 2.55 9.03 16.23
CA THR A 82 2.19 10.42 16.44
C THR A 82 2.95 11.26 15.41
N VAL A 83 2.48 12.48 15.19
CA VAL A 83 3.16 13.36 14.23
C VAL A 83 4.57 13.69 14.70
N SER A 84 4.75 13.94 16.01
CA SER A 84 6.09 14.21 16.52
C SER A 84 7.05 13.06 16.26
N LYS A 85 6.58 11.82 16.42
CA LYS A 85 7.44 10.68 16.11
C LYS A 85 7.79 10.62 14.62
N GLU A 86 6.80 10.89 13.75
CA GLU A 86 7.09 10.93 12.32
C GLU A 86 8.07 12.06 11.97
N ILE A 87 7.95 13.21 12.63
CA ILE A 87 8.92 14.29 12.40
C ILE A 87 10.32 13.80 12.75
N GLU A 88 10.46 13.19 13.94
CA GLU A 88 11.76 12.66 14.33
C GLU A 88 12.29 11.64 13.32
N GLU A 89 11.42 10.74 12.86
CA GLU A 89 11.85 9.75 11.88
C GLU A 89 12.25 10.41 10.57
N ALA A 90 11.44 11.38 10.12
CA ALA A 90 11.79 12.13 8.91
C ALA A 90 13.15 12.79 9.02
N HIS A 91 13.47 13.37 10.19
CA HIS A 91 14.80 13.95 10.38
C HIS A 91 15.88 12.88 10.27
N ALA A 92 15.61 11.69 10.81
CA ALA A 92 16.56 10.60 10.70
C ALA A 92 16.74 10.14 9.26
N ILE A 93 15.67 10.20 8.47
CA ILE A 93 15.77 9.80 7.08
C ILE A 93 16.61 10.81 6.30
N VAL A 94 16.42 12.11 6.59
CA VAL A 94 17.24 13.13 5.97
C VAL A 94 18.72 12.92 6.34
N ASP A 95 18.99 12.67 7.62
CA ASP A 95 20.34 12.31 8.04
C ASP A 95 20.89 11.16 7.20
N PHE A 96 20.05 10.14 6.97
CA PHE A 96 20.46 8.95 6.25
C PHE A 96 20.79 9.26 4.79
N VAL A 97 19.97 10.08 4.14
CA VAL A 97 20.25 10.43 2.75
C VAL A 97 21.47 11.34 2.67
N LYS A 98 21.69 12.17 3.68
CA LYS A 98 22.87 13.04 3.66
C LYS A 98 24.16 12.23 3.84
N ARG A 99 24.08 11.06 4.48
CA ARG A 99 25.23 10.16 4.61
C ARG A 99 25.49 9.34 3.35
N ASP A 100 24.64 9.44 2.35
CA ASP A 100 24.73 8.61 1.16
C ASP A 100 25.65 9.32 0.16
N GLY A 101 26.83 8.76 -0.06
CA GLY A 101 27.81 9.33 -0.98
C GLY A 101 27.36 9.41 -2.41
N ARG A 102 26.24 8.78 -2.77
CA ARG A 102 25.73 8.90 -4.14
C ARG A 102 24.92 10.18 -4.35
N ILE A 103 24.58 10.90 -3.28
CA ILE A 103 23.58 11.96 -3.33
C ILE A 103 24.28 13.30 -3.15
N ASP A 104 23.91 14.27 -3.97
CA ASP A 104 24.38 15.63 -3.82
C ASP A 104 23.68 16.31 -2.65
N PRO A 105 24.34 16.50 -1.51
CA PRO A 105 23.67 17.12 -0.36
C PRO A 105 23.19 18.55 -0.60
N SER A 106 23.65 19.20 -1.66
CA SER A 106 23.15 20.54 -1.97
C SER A 106 21.87 20.50 -2.80
N HIS A 107 21.41 19.31 -3.21
CA HIS A 107 20.18 19.18 -4.00
C HIS A 107 19.31 18.06 -3.44
N ILE A 108 19.01 18.12 -2.15
CA ILE A 108 18.03 17.25 -1.51
C ILE A 108 16.71 18.01 -1.44
N TYR A 109 15.66 17.41 -1.98
CA TYR A 109 14.32 18.00 -2.01
C TYR A 109 13.39 17.15 -1.15
N LEU A 110 12.53 17.81 -0.37
CA LEU A 110 11.55 17.07 0.45
C LEU A 110 10.17 17.15 -0.19
N LEU A 111 9.44 16.03 -0.15
CA LEU A 111 8.08 15.95 -0.66
C LEU A 111 7.23 15.25 0.40
N GLY A 112 6.04 15.78 0.65
CA GLY A 112 5.12 15.13 1.57
C GLY A 112 3.70 15.25 1.08
N LEU A 113 2.92 14.21 1.30
CA LEU A 113 1.51 14.21 0.93
C LEU A 113 0.68 14.32 2.20
N SER A 114 -0.16 15.36 2.23
CA SER A 114 -1.19 15.57 3.23
C SER A 114 -0.52 15.61 4.61
N MET A 115 -0.70 14.60 5.47
CA MET A 115 -0.01 14.69 6.76
C MET A 115 1.51 14.56 6.57
N GLY A 116 1.95 13.86 5.53
CA GLY A 116 3.37 13.86 5.22
C GLY A 116 3.87 15.21 4.77
N GLY A 117 3.00 16.04 4.20
CA GLY A 117 3.39 17.39 3.85
C GLY A 117 3.51 18.28 5.07
N LEU A 118 2.61 18.10 6.04
CA LEU A 118 2.80 18.68 7.36
C LEU A 118 4.20 18.37 7.86
N VAL A 119 4.54 17.07 7.91
CA VAL A 119 5.84 16.65 8.42
C VAL A 119 6.96 17.27 7.59
N ALA A 120 6.84 17.21 6.27
CA ALA A 120 7.87 17.77 5.41
C ALA A 120 8.06 19.25 5.68
N SER A 121 6.96 19.98 5.85
CA SER A 121 7.08 21.42 6.02
C SER A 121 7.74 21.76 7.35
N VAL A 122 7.53 20.94 8.38
CA VAL A 122 8.17 21.16 9.68
C VAL A 122 9.67 20.86 9.60
N VAL A 123 10.01 19.71 9.01
CA VAL A 123 11.42 19.32 8.85
C VAL A 123 12.17 20.39 8.08
N ALA A 124 11.59 20.86 6.96
CA ALA A 124 12.25 21.89 6.17
C ALA A 124 12.43 23.19 6.97
N GLY A 125 11.41 23.58 7.74
CA GLY A 125 11.55 24.74 8.60
C GLY A 125 12.63 24.58 9.64
N GLU A 126 12.95 23.33 10.02
CA GLU A 126 13.89 23.09 11.10
C GLU A 126 15.32 22.86 10.63
N ARG A 127 15.54 22.59 9.35
CA ARG A 127 16.89 22.51 8.79
C ARG A 127 16.88 23.07 7.37
N PRO A 128 16.53 24.36 7.22
CA PRO A 128 16.29 24.91 5.86
C PRO A 128 17.49 24.77 4.93
N ASN A 129 18.70 24.87 5.47
CA ASN A 129 19.90 24.78 4.66
C ASN A 129 20.14 23.38 4.10
N ASP A 130 19.53 22.34 4.69
CA ASP A 130 19.62 20.99 4.15
C ASP A 130 18.67 20.74 2.99
N VAL A 131 17.67 21.60 2.80
CA VAL A 131 16.51 21.36 1.91
C VAL A 131 16.57 22.34 0.76
N ALA A 132 16.92 21.86 -0.44
CA ALA A 132 17.04 22.76 -1.58
C ALA A 132 15.67 23.18 -2.11
N LYS A 133 14.71 22.24 -2.16
CA LYS A 133 13.35 22.53 -2.60
C LYS A 133 12.37 21.74 -1.74
N LEU A 134 11.14 22.24 -1.67
CA LEU A 134 10.07 21.59 -0.91
C LEU A 134 8.83 21.40 -1.79
N ILE A 135 8.26 20.21 -1.75
CA ILE A 135 7.04 19.89 -2.49
C ILE A 135 5.98 19.44 -1.48
N LEU A 136 4.87 20.17 -1.44
CA LEU A 136 3.76 19.86 -0.54
C LEU A 136 2.55 19.47 -1.38
N MET A 137 2.13 18.21 -1.28
CA MET A 137 0.93 17.73 -1.96
C MET A 137 -0.23 17.69 -0.99
N ALA A 138 -1.28 18.46 -1.30
CA ALA A 138 -2.47 18.58 -0.45
C ALA A 138 -2.05 18.67 1.02
N PRO A 139 -1.16 19.58 1.38
CA PRO A 139 -0.58 19.53 2.72
C PRO A 139 -1.65 19.82 3.77
N ALA A 140 -1.75 18.96 4.77
CA ALA A 140 -2.77 19.20 5.79
C ALA A 140 -2.19 20.11 6.87
N GLY A 141 -2.07 21.39 6.52
CA GLY A 141 -1.61 22.38 7.49
C GLY A 141 -2.51 22.43 8.70
N ASN A 142 -3.81 22.49 8.48
CA ASN A 142 -4.79 22.63 9.56
C ASN A 142 -5.33 21.29 10.05
N MET A 143 -4.47 20.27 10.16
CA MET A 143 -5.01 18.96 10.52
C MET A 143 -5.71 18.94 11.87
N TYR A 144 -5.26 19.71 12.85
CA TYR A 144 -5.97 19.68 14.12
C TYR A 144 -7.43 20.07 13.92
N GLU A 145 -7.67 21.15 13.18
CA GLU A 145 -9.04 21.52 12.84
C GLU A 145 -9.74 20.40 12.09
N LEU A 146 -9.02 19.74 11.18
CA LEU A 146 -9.57 18.60 10.45
C LEU A 146 -9.97 17.47 11.39
N ILE A 147 -9.06 17.04 12.27
CA ILE A 147 -9.41 16.01 13.22
C ILE A 147 -10.45 16.51 14.21
N THR A 148 -10.38 17.80 14.57
CA THR A 148 -11.40 18.39 15.43
C THR A 148 -12.77 18.32 14.77
N GLU A 149 -12.83 18.64 13.48
CA GLU A 149 -14.11 18.65 12.78
C GLU A 149 -14.68 17.25 12.69
N THR A 150 -13.81 16.24 12.57
CA THR A 150 -14.29 14.87 12.45
C THR A 150 -14.82 14.33 13.78
N ILE A 151 -14.21 14.69 14.91
CA ILE A 151 -14.71 14.14 16.17
C ILE A 151 -16.07 14.72 16.51
N ARG A 152 -16.39 15.91 15.97
CA ARG A 152 -17.73 16.49 16.14
C ARG A 152 -18.75 15.76 15.28
N GLN A 153 -18.41 15.51 14.01
CA GLN A 153 -19.36 14.84 13.12
C GLN A 153 -19.58 13.39 13.54
N GLU A 154 -18.51 12.70 13.91
CA GLU A 154 -18.58 11.29 14.27
C GLU A 154 -18.75 11.05 15.77
N ASN A 155 -18.86 12.11 16.57
CA ASN A 155 -19.02 11.99 18.02
C ASN A 155 -17.94 11.10 18.63
N ILE A 156 -16.70 11.35 18.24
CA ILE A 156 -15.59 10.50 18.67
C ILE A 156 -15.24 10.82 20.11
N ASP A 157 -15.20 9.80 20.95
CA ASP A 157 -14.96 9.97 22.38
C ASP A 157 -13.45 10.06 22.61
N VAL A 158 -12.96 11.27 22.92
CA VAL A 158 -11.51 11.49 22.97
C VAL A 158 -10.84 10.94 24.22
N THR A 159 -11.62 10.41 25.17
CA THR A 159 -11.02 9.76 26.33
C THR A 159 -10.54 8.35 26.00
N ALA A 160 -11.07 7.77 24.93
CA ALA A 160 -10.73 6.41 24.56
C ALA A 160 -9.23 6.29 24.33
N PRO A 161 -8.65 5.10 24.58
CA PRO A 161 -7.21 4.93 24.31
C PRO A 161 -6.90 4.91 22.82
N TYR A 162 -7.88 4.58 21.98
CA TYR A 162 -7.69 4.62 20.55
C TYR A 162 -9.03 4.89 19.88
N PHE A 163 -8.98 5.31 18.62
CA PHE A 163 -10.15 5.40 17.77
C PHE A 163 -9.93 4.48 16.58
N ASP A 164 -10.92 3.65 16.27
CA ASP A 164 -10.79 2.68 15.18
C ASP A 164 -11.16 3.39 13.89
N HIS A 165 -10.16 3.79 13.12
CA HIS A 165 -10.39 4.50 11.87
C HIS A 165 -10.38 3.48 10.73
N GLY A 166 -11.48 2.75 10.61
CA GLY A 166 -11.64 1.78 9.52
C GLY A 166 -10.61 0.66 9.51
N GLY A 167 -10.19 0.21 10.68
CA GLY A 167 -9.19 -0.83 10.79
C GLY A 167 -7.79 -0.34 11.11
N ASN A 168 -7.56 0.98 10.98
CA ASN A 168 -6.34 1.62 11.45
C ASN A 168 -6.62 2.22 12.83
N LEU A 169 -5.98 1.69 13.87
CA LEU A 169 -6.17 2.19 15.23
C LEU A 169 -5.36 3.47 15.44
N VAL A 170 -6.04 4.56 15.78
CA VAL A 170 -5.39 5.84 16.05
C VAL A 170 -5.30 6.02 17.56
N GLY A 171 -4.09 6.04 18.10
CA GLY A 171 -3.93 6.16 19.54
C GLY A 171 -4.29 7.54 20.06
N ARG A 172 -4.75 7.57 21.32
CA ARG A 172 -5.02 8.83 22.00
C ARG A 172 -3.83 9.77 21.99
N SER A 173 -2.62 9.22 22.01
CA SER A 173 -1.43 10.07 22.03
C SER A 173 -1.32 10.89 20.77
N PHE A 174 -1.89 10.41 19.67
CA PHE A 174 -1.82 11.15 18.41
C PHE A 174 -2.52 12.50 18.53
N LEU A 175 -3.71 12.51 19.14
CA LEU A 175 -4.47 13.75 19.29
C LEU A 175 -3.79 14.70 20.26
N GLU A 176 -3.34 14.19 21.40
CA GLU A 176 -2.69 15.03 22.40
C GLU A 176 -1.44 15.68 21.82
N ASP A 177 -0.64 14.89 21.10
CA ASP A 177 0.56 15.42 20.48
C ASP A 177 0.23 16.42 19.38
N LEU A 178 -0.76 16.13 18.54
CA LEU A 178 -1.06 17.01 17.42
C LEU A 178 -1.49 18.40 17.88
N GLN A 179 -2.22 18.46 19.00
CA GLN A 179 -2.74 19.73 19.51
C GLN A 179 -1.63 20.70 19.89
N THR A 180 -0.42 20.19 20.14
CA THR A 180 0.71 21.01 20.56
C THR A 180 1.57 21.50 19.41
N ILE A 181 1.21 21.20 18.16
CA ILE A 181 2.05 21.51 17.01
C ILE A 181 1.41 22.66 16.24
N ASN A 182 2.06 23.82 16.25
CA ASN A 182 1.60 24.89 15.36
C ASN A 182 2.39 24.77 14.07
N VAL A 183 1.72 24.24 13.04
CA VAL A 183 2.37 23.84 11.81
C VAL A 183 2.92 25.05 11.07
N PHE A 184 2.07 26.06 10.85
CA PHE A 184 2.49 27.20 10.04
C PHE A 184 3.64 27.95 10.69
N GLU A 185 3.67 28.02 12.03
CA GLU A 185 4.80 28.68 12.69
C GLU A 185 6.08 27.90 12.51
N ARG A 186 6.04 26.58 12.72
CA ARG A 186 7.27 25.79 12.63
C ARG A 186 7.79 25.68 11.21
N ALA A 187 6.92 25.85 10.21
CA ALA A 187 7.31 25.79 8.80
C ALA A 187 7.87 27.11 8.29
N LYS A 188 7.49 28.22 8.93
CA LYS A 188 7.78 29.57 8.44
C LYS A 188 9.24 29.85 8.11
N PRO A 189 10.23 29.34 8.85
CA PRO A 189 11.62 29.74 8.57
C PRO A 189 12.14 29.33 7.20
N TYR A 190 11.56 28.32 6.56
CA TYR A 190 12.09 27.85 5.29
C TYR A 190 11.86 28.90 4.20
N ASP A 191 12.95 29.27 3.52
CA ASP A 191 12.92 30.32 2.50
C ASP A 191 13.18 29.79 1.09
N GLY A 192 13.34 28.47 0.90
CA GLY A 192 13.55 27.93 -0.41
C GLY A 192 12.27 27.93 -1.24
N PRO A 193 12.41 27.54 -2.50
CA PRO A 193 11.22 27.41 -3.35
C PRO A 193 10.30 26.31 -2.83
N VAL A 194 9.00 26.57 -2.85
CA VAL A 194 7.97 25.63 -2.41
C VAL A 194 6.96 25.46 -3.52
N LEU A 195 6.66 24.21 -3.86
CA LEU A 195 5.58 23.87 -4.77
C LEU A 195 4.44 23.26 -3.97
N LEU A 196 3.26 23.87 -4.02
CA LEU A 196 2.07 23.28 -3.41
C LEU A 196 1.14 22.77 -4.51
N ILE A 197 0.80 21.49 -4.46
CA ILE A 197 -0.06 20.86 -5.45
C ILE A 197 -1.34 20.42 -4.77
N HIS A 198 -2.49 20.82 -5.28
CA HIS A 198 -3.64 20.50 -4.46
C HIS A 198 -4.81 20.26 -5.42
N GLY A 199 -5.57 19.19 -5.21
CA GLY A 199 -6.76 18.92 -6.04
C GLY A 199 -7.91 19.86 -5.68
N THR A 200 -8.59 20.39 -6.71
CA THR A 200 -9.62 21.38 -6.44
C THR A 200 -10.88 20.75 -5.85
N GLU A 201 -11.02 19.43 -5.91
CA GLU A 201 -12.15 18.73 -5.32
C GLU A 201 -11.72 17.88 -4.13
N ASP A 202 -10.65 18.27 -3.48
CA ASP A 202 -10.15 17.57 -2.30
C ASP A 202 -11.11 17.83 -1.14
N ASP A 203 -11.85 16.79 -0.75
CA ASP A 203 -12.79 16.82 0.36
C ASP A 203 -12.14 16.48 1.69
N VAL A 204 -10.90 16.01 1.67
CA VAL A 204 -10.21 15.62 2.89
C VAL A 204 -9.42 16.78 3.47
N VAL A 205 -8.59 17.41 2.65
CA VAL A 205 -7.94 18.68 2.97
C VAL A 205 -8.36 19.72 1.94
N PRO A 206 -9.19 20.70 2.30
CA PRO A 206 -9.65 21.68 1.29
C PRO A 206 -8.49 22.50 0.73
N HIS A 207 -8.60 22.85 -0.56
CA HIS A 207 -7.44 23.40 -1.27
C HIS A 207 -7.11 24.81 -0.84
N ARG A 208 -8.02 25.49 -0.13
CA ARG A 208 -7.68 26.78 0.48
C ARG A 208 -6.48 26.66 1.43
N VAL A 209 -6.22 25.46 1.96
CA VAL A 209 -5.14 25.30 2.94
C VAL A 209 -3.77 25.53 2.29
N SER A 210 -3.61 25.16 1.01
CA SER A 210 -2.38 25.53 0.29
C SER A 210 -2.22 27.05 0.21
N HIS A 211 -3.33 27.77 0.08
CA HIS A 211 -3.24 29.23 0.15
C HIS A 211 -2.77 29.67 1.54
N LEU A 212 -3.21 28.97 2.58
CA LEU A 212 -2.82 29.32 3.94
C LEU A 212 -1.31 29.21 4.13
N TYR A 213 -0.73 28.11 3.67
CA TYR A 213 0.73 27.97 3.66
C TYR A 213 1.38 29.12 2.91
N GLU A 214 0.84 29.48 1.75
CA GLU A 214 1.37 30.63 1.02
C GLU A 214 1.26 31.92 1.85
N GLN A 215 0.09 32.15 2.46
CA GLN A 215 -0.10 33.41 3.18
C GLN A 215 0.74 33.47 4.45
N LEU A 216 0.86 32.36 5.17
CA LEU A 216 1.43 32.37 6.51
C LEU A 216 2.89 31.96 6.57
N CYS A 217 3.38 31.18 5.61
CA CYS A 217 4.72 30.60 5.71
C CYS A 217 5.67 31.00 4.62
N TYR A 218 5.20 31.14 3.39
CA TYR A 218 6.11 31.14 2.25
C TYR A 218 6.03 32.38 1.37
N GLY A 219 4.87 33.00 1.25
CA GLY A 219 4.76 34.19 0.42
C GLY A 219 5.10 33.92 -1.04
N SER A 220 5.95 34.78 -1.61
CA SER A 220 6.29 34.73 -3.02
C SER A 220 7.19 33.56 -3.39
N ARG A 221 7.78 32.89 -2.41
CA ARG A 221 8.57 31.70 -2.70
C ARG A 221 7.72 30.48 -3.02
N ALA A 222 6.42 30.54 -2.78
CA ALA A 222 5.54 29.39 -3.01
C ALA A 222 4.86 29.48 -4.37
N THR A 223 4.79 28.33 -5.04
CA THR A 223 4.04 28.16 -6.29
C THR A 223 2.85 27.27 -5.97
N VAL A 224 1.64 27.80 -6.12
CA VAL A 224 0.41 27.05 -5.84
C VAL A 224 -0.12 26.51 -7.16
N HIS A 225 -0.17 25.20 -7.31
CA HIS A 225 -0.59 24.57 -8.56
C HIS A 225 -1.83 23.72 -8.29
N LEU A 226 -2.97 24.19 -8.78
CA LEU A 226 -4.23 23.49 -8.56
C LEU A 226 -4.49 22.44 -9.66
N ILE A 227 -4.96 21.26 -9.26
CA ILE A 227 -5.32 20.20 -10.21
C ILE A 227 -6.83 20.20 -10.32
N GLU A 228 -7.35 20.73 -11.44
CA GLU A 228 -8.80 20.89 -11.60
C GLU A 228 -9.51 19.56 -11.52
N GLY A 229 -10.47 19.46 -10.58
CA GLY A 229 -11.33 18.31 -10.47
C GLY A 229 -10.82 17.19 -9.60
N ALA A 230 -9.54 17.22 -9.21
CA ALA A 230 -8.93 16.07 -8.56
C ALA A 230 -9.36 15.96 -7.10
N ASN A 231 -9.51 14.72 -6.64
CA ASN A 231 -9.79 14.44 -5.24
C ASN A 231 -8.46 14.43 -4.46
N HIS A 232 -8.51 13.96 -3.21
CA HIS A 232 -7.40 14.13 -2.27
C HIS A 232 -6.12 13.50 -2.77
N THR A 233 -6.18 12.25 -3.26
CA THR A 233 -4.98 11.56 -3.70
C THR A 233 -4.90 11.44 -5.22
N PHE A 234 -5.58 12.32 -5.95
CA PHE A 234 -5.42 12.42 -7.40
C PHE A 234 -5.73 11.07 -8.08
N ASP A 235 -6.90 10.53 -7.75
CA ASP A 235 -7.28 9.18 -8.20
C ASP A 235 -7.82 9.25 -9.63
N GLY A 236 -6.91 9.55 -10.56
CA GLY A 236 -7.27 9.71 -11.95
C GLY A 236 -6.04 9.87 -12.81
N HIS A 237 -6.01 9.22 -13.97
CA HIS A 237 -4.80 9.22 -14.78
C HIS A 237 -4.43 10.62 -15.25
N ARG A 238 -5.42 11.41 -15.70
CA ARG A 238 -5.12 12.79 -16.10
C ARG A 238 -4.56 13.60 -14.95
N TRP A 239 -5.21 13.51 -13.77
CA TRP A 239 -4.74 14.25 -12.61
C TRP A 239 -3.32 13.84 -12.24
N GLU A 240 -3.07 12.53 -12.19
CA GLU A 240 -1.76 12.05 -11.76
C GLU A 240 -0.67 12.47 -12.75
N THR A 241 -0.98 12.43 -14.05
CA THR A 241 0.00 12.87 -15.03
C THR A 241 0.40 14.32 -14.81
N GLU A 242 -0.57 15.18 -14.54
CA GLU A 242 -0.28 16.58 -14.28
C GLU A 242 0.51 16.74 -12.98
N VAL A 243 0.17 15.96 -11.96
CA VAL A 243 0.92 16.02 -10.70
C VAL A 243 2.39 15.69 -10.96
N ILE A 244 2.64 14.58 -11.66
CA ILE A 244 4.01 14.10 -11.89
C ILE A 244 4.79 15.12 -12.72
N LYS A 245 4.17 15.63 -13.79
CA LYS A 245 4.87 16.58 -14.64
C LYS A 245 5.13 17.90 -13.91
N THR A 246 4.20 18.34 -13.06
CA THR A 246 4.43 19.57 -12.31
C THR A 246 5.63 19.42 -11.38
N ILE A 247 5.73 18.28 -10.72
CA ILE A 247 6.88 17.97 -9.87
C ILE A 247 8.18 17.96 -10.68
N LEU A 248 8.18 17.22 -11.80
CA LEU A 248 9.40 17.16 -12.61
C LEU A 248 9.80 18.54 -13.12
N GLY A 249 8.82 19.33 -13.56
CA GLY A 249 9.12 20.68 -13.98
C GLY A 249 9.73 21.52 -12.88
N PHE A 250 9.30 21.29 -11.62
CA PHE A 250 9.76 22.09 -10.49
C PHE A 250 11.19 21.73 -10.07
N VAL A 251 11.59 20.46 -10.23
CA VAL A 251 12.92 20.03 -9.79
C VAL A 251 13.93 19.98 -10.93
N SER A 252 13.51 20.14 -12.17
CA SER A 252 14.44 20.06 -13.29
C SER A 252 15.27 21.34 -13.44
N GLN B 2 10.70 -9.48 9.52
CA GLN B 2 10.40 -9.65 8.10
C GLN B 2 11.55 -9.10 7.28
N LYS B 3 11.56 -9.44 5.98
CA LYS B 3 12.69 -9.07 5.13
C LYS B 3 12.18 -8.90 3.70
N ALA B 4 12.58 -7.82 3.05
CA ALA B 4 12.22 -7.62 1.66
C ALA B 4 12.91 -8.63 0.77
N ILE B 5 12.17 -9.18 -0.19
CA ILE B 5 12.68 -10.22 -1.07
C ILE B 5 12.33 -9.86 -2.51
N THR B 6 13.04 -10.50 -3.44
CA THR B 6 12.79 -10.33 -4.86
C THR B 6 12.66 -11.70 -5.53
N LEU B 7 12.03 -11.72 -6.69
CA LEU B 7 11.94 -12.90 -7.53
C LEU B 7 11.86 -12.45 -8.98
N THR B 8 12.80 -12.90 -9.81
CA THR B 8 12.76 -12.59 -11.23
C THR B 8 11.73 -13.47 -11.93
N HIS B 9 10.90 -12.86 -12.76
CA HIS B 9 9.95 -13.60 -13.60
C HIS B 9 9.87 -12.93 -14.96
N ARG B 10 10.09 -13.71 -16.01
CA ARG B 10 10.10 -13.19 -17.38
C ARG B 10 10.89 -11.89 -17.47
N GLY B 11 12.11 -11.92 -16.93
CA GLY B 11 13.01 -10.78 -17.00
C GLY B 11 12.61 -9.58 -16.17
N MET B 12 11.62 -9.69 -15.31
CA MET B 12 11.17 -8.57 -14.49
C MET B 12 11.13 -9.00 -13.03
N THR B 13 11.30 -8.04 -12.11
CA THR B 13 11.46 -8.35 -10.70
C THR B 13 10.16 -8.15 -9.94
N LEU B 14 9.69 -9.20 -9.28
CA LEU B 14 8.62 -9.06 -8.30
C LEU B 14 9.23 -8.73 -6.95
N ARG B 15 8.58 -7.86 -6.20
CA ARG B 15 9.12 -7.41 -4.92
C ARG B 15 8.16 -7.81 -3.82
N GLY B 16 8.69 -8.38 -2.74
CA GLY B 16 7.82 -8.92 -1.71
C GLY B 16 8.40 -8.79 -0.31
N MET B 17 7.74 -9.44 0.65
CA MET B 17 8.16 -9.61 2.03
C MET B 17 8.09 -11.08 2.40
N GLU B 18 9.10 -11.57 3.11
CA GLU B 18 9.01 -12.85 3.79
C GLU B 18 9.02 -12.57 5.29
N HIS B 19 8.32 -13.42 6.03
CA HIS B 19 8.31 -13.40 7.49
C HIS B 19 8.77 -14.77 7.93
N ILE B 20 9.94 -14.87 8.55
CA ILE B 20 10.51 -16.17 8.92
C ILE B 20 10.46 -16.27 10.44
N PRO B 21 9.68 -17.19 11.01
CA PRO B 21 9.46 -17.21 12.46
C PRO B 21 10.68 -17.72 13.19
N GLU B 22 10.73 -17.45 14.51
CA GLU B 22 11.86 -17.99 15.26
C GLU B 22 11.88 -19.51 15.21
N LYS B 23 10.71 -20.15 15.12
CA LYS B 23 10.70 -21.61 15.04
C LYS B 23 11.53 -22.16 13.87
N SER B 24 11.81 -21.34 12.84
CA SER B 24 12.63 -21.83 11.74
C SER B 24 14.05 -22.16 12.19
N LEU B 25 14.51 -21.57 13.31
CA LEU B 25 15.80 -21.95 13.88
C LEU B 25 15.79 -23.39 14.39
N ASP B 26 14.61 -23.90 14.77
CA ASP B 26 14.46 -25.24 15.33
C ASP B 26 14.03 -26.31 14.33
N GLU B 27 13.48 -25.92 13.17
CA GLU B 27 12.84 -26.91 12.29
C GLU B 27 12.35 -26.22 11.02
N LYS B 28 12.07 -27.03 9.99
CA LYS B 28 11.34 -26.53 8.83
C LYS B 28 9.92 -26.19 9.24
N VAL B 29 9.38 -25.09 8.71
CA VAL B 29 8.13 -24.56 9.24
C VAL B 29 7.11 -24.50 8.13
N PRO B 30 5.82 -24.55 8.46
CA PRO B 30 4.78 -24.29 7.46
C PRO B 30 4.91 -22.88 6.92
N ALA B 31 4.25 -22.61 5.79
CA ALA B 31 4.23 -21.27 5.23
C ALA B 31 2.86 -20.97 4.62
N VAL B 32 2.41 -19.73 4.75
CA VAL B 32 1.27 -19.21 4.01
C VAL B 32 1.80 -18.28 2.92
N ILE B 33 1.34 -18.48 1.70
CA ILE B 33 1.61 -17.54 0.60
C ILE B 33 0.35 -16.72 0.37
N LEU B 34 0.49 -15.39 0.42
CA LEU B 34 -0.65 -14.48 0.35
C LEU B 34 -0.64 -13.78 -1.01
N PHE B 35 -1.79 -13.78 -1.69
CA PHE B 35 -1.92 -13.17 -3.01
C PHE B 35 -2.95 -12.05 -2.90
N HIS B 36 -2.57 -10.85 -3.34
CA HIS B 36 -3.42 -9.70 -3.19
C HIS B 36 -4.43 -9.57 -4.34
N GLY B 37 -5.41 -8.68 -4.14
CA GLY B 37 -6.50 -8.50 -5.08
C GLY B 37 -6.25 -7.38 -6.08
N PHE B 38 -7.31 -7.06 -6.82
CA PHE B 38 -7.25 -6.17 -7.98
C PHE B 38 -7.13 -4.70 -7.55
N THR B 39 -6.02 -4.06 -7.95
CA THR B 39 -5.51 -2.74 -7.55
C THR B 39 -5.00 -2.73 -6.12
N GLY B 40 -5.02 -3.86 -5.42
CA GLY B 40 -4.42 -3.96 -4.09
C GLY B 40 -2.92 -4.21 -4.19
N THR B 41 -2.33 -4.44 -3.02
CA THR B 41 -0.89 -4.66 -2.86
C THR B 41 -0.66 -5.78 -1.86
N LYS B 42 0.60 -6.20 -1.71
CA LYS B 42 0.96 -7.22 -0.72
C LYS B 42 0.59 -6.83 0.71
N LEU B 43 0.32 -5.54 0.95
CA LEU B 43 -0.02 -5.07 2.29
C LEU B 43 -1.52 -5.15 2.54
N GLU B 44 -2.32 -4.78 1.51
CA GLU B 44 -3.77 -4.69 1.53
C GLU B 44 -4.23 -3.58 2.49
N PRO B 45 -5.50 -3.21 2.48
CA PRO B 45 -5.94 -2.07 3.31
C PRO B 45 -5.69 -2.28 4.80
N HIS B 46 -5.43 -1.15 5.48
CA HIS B 46 -5.12 -1.11 6.92
C HIS B 46 -4.15 -2.22 7.32
N ARG B 47 -3.13 -2.46 6.50
CA ARG B 47 -2.04 -3.38 6.82
C ARG B 47 -2.54 -4.82 7.05
N LEU B 48 -3.69 -5.15 6.47
CA LEU B 48 -4.32 -6.46 6.73
C LEU B 48 -3.35 -7.62 6.52
N PHE B 49 -2.71 -7.71 5.34
CA PHE B 49 -1.83 -8.86 5.08
C PHE B 49 -0.63 -8.87 6.03
N LEU B 50 -0.08 -7.70 6.33
CA LEU B 50 1.03 -7.65 7.28
C LEU B 50 0.59 -8.13 8.66
N LYS B 51 -0.60 -7.72 9.10
CA LYS B 51 -1.07 -8.15 10.43
C LYS B 51 -1.30 -9.66 10.45
N ILE B 52 -1.77 -10.21 9.34
CA ILE B 52 -1.89 -11.68 9.25
C ILE B 52 -0.52 -12.33 9.33
N SER B 53 0.44 -11.84 8.53
CA SER B 53 1.81 -12.37 8.57
C SER B 53 2.39 -12.34 9.99
N ARG B 54 2.20 -11.24 10.71
CA ARG B 54 2.76 -11.15 12.06
C ARG B 54 2.11 -12.14 13.00
N ALA B 55 0.78 -12.26 12.93
CA ALA B 55 0.09 -13.20 13.80
C ALA B 55 0.50 -14.64 13.50
N LEU B 56 0.62 -14.99 12.21
CA LEU B 56 1.12 -16.31 11.82
C LEU B 56 2.53 -16.54 12.36
N GLU B 57 3.38 -15.52 12.26
CA GLU B 57 4.77 -15.65 12.67
C GLU B 57 4.88 -15.92 14.16
N LYS B 58 4.03 -15.29 14.97
CA LYS B 58 4.04 -15.56 16.41
C LYS B 58 3.78 -17.03 16.68
N GLN B 59 3.00 -17.67 15.83
CA GLN B 59 2.61 -19.07 15.99
C GLN B 59 3.57 -20.01 15.26
N GLY B 60 4.73 -19.52 14.84
CA GLY B 60 5.70 -20.36 14.18
C GLY B 60 5.39 -20.72 12.74
N ILE B 61 4.64 -19.88 12.03
CA ILE B 61 4.31 -20.10 10.61
C ILE B 61 4.91 -18.96 9.80
N ALA B 62 5.69 -19.31 8.78
CA ALA B 62 6.28 -18.34 7.86
C ALA B 62 5.21 -17.77 6.92
N SER B 63 5.53 -16.65 6.28
CA SER B 63 4.69 -16.22 5.17
C SER B 63 5.52 -15.48 4.12
N PHE B 64 5.00 -15.51 2.90
CA PHE B 64 5.57 -14.84 1.75
C PHE B 64 4.46 -14.06 1.06
N ARG B 65 4.72 -12.82 0.69
CA ARG B 65 3.69 -12.08 -0.04
C ARG B 65 4.38 -11.09 -0.96
N PHE B 66 4.11 -11.24 -2.25
CA PHE B 66 4.69 -10.42 -3.29
C PHE B 66 3.63 -9.48 -3.85
N ASP B 67 4.07 -8.33 -4.34
CA ASP B 67 3.29 -7.54 -5.28
C ASP B 67 3.38 -8.22 -6.64
N PHE B 68 2.22 -8.45 -7.27
CA PHE B 68 2.26 -8.98 -8.62
C PHE B 68 2.91 -7.95 -9.54
N LEU B 69 3.45 -8.41 -10.67
CA LEU B 69 4.02 -7.47 -11.64
C LEU B 69 2.95 -6.44 -12.03
N GLY B 70 3.38 -5.19 -12.18
CA GLY B 70 2.43 -4.12 -12.45
C GLY B 70 1.70 -3.57 -11.25
N SER B 71 1.93 -4.13 -10.06
CA SER B 71 1.24 -3.68 -8.85
C SER B 71 2.27 -3.37 -7.78
N GLY B 72 1.81 -2.63 -6.76
CA GLY B 72 2.69 -2.35 -5.61
C GLY B 72 4.05 -1.89 -6.04
N GLU B 73 5.09 -2.51 -5.47
CA GLU B 73 6.48 -2.12 -5.71
C GLU B 73 7.15 -2.91 -6.83
N SER B 74 6.44 -3.86 -7.43
CA SER B 74 7.07 -4.71 -8.44
C SER B 74 7.28 -3.98 -9.76
N ASP B 75 8.23 -4.48 -10.56
CA ASP B 75 8.41 -4.01 -11.94
C ASP B 75 7.11 -4.01 -12.73
N GLY B 76 7.07 -3.27 -13.83
CA GLY B 76 5.95 -3.32 -14.73
C GLY B 76 4.88 -2.27 -14.42
N ASP B 77 3.98 -2.11 -15.38
CA ASP B 77 2.85 -1.20 -15.28
C ASP B 77 1.55 -1.99 -15.16
N PHE B 78 0.60 -1.40 -14.43
CA PHE B 78 -0.68 -2.09 -14.20
C PHE B 78 -1.43 -2.34 -15.49
N GLU B 79 -1.30 -1.43 -16.47
CA GLU B 79 -1.81 -1.61 -17.84
C GLU B 79 -1.70 -3.04 -18.38
N GLU B 80 -0.53 -3.58 -18.28
CA GLU B 80 -0.16 -4.91 -18.72
C GLU B 80 -0.57 -6.09 -17.86
N MET B 81 -1.14 -5.86 -16.70
CA MET B 81 -1.60 -6.96 -15.87
C MET B 81 -2.79 -7.67 -16.52
N THR B 82 -2.72 -8.99 -16.53
CA THR B 82 -3.88 -9.86 -16.69
C THR B 82 -3.89 -10.88 -15.56
N VAL B 83 -5.07 -11.45 -15.30
CA VAL B 83 -5.18 -12.51 -14.30
C VAL B 83 -4.35 -13.72 -14.72
N SER B 84 -4.31 -14.03 -16.03
CA SER B 84 -3.49 -15.15 -16.48
C SER B 84 -2.02 -14.93 -16.15
N LYS B 85 -1.51 -13.71 -16.36
CA LYS B 85 -0.15 -13.38 -15.96
C LYS B 85 0.05 -13.53 -14.46
N GLU B 86 -0.93 -13.11 -13.66
CA GLU B 86 -0.81 -13.23 -12.21
C GLU B 86 -0.82 -14.69 -11.79
N ILE B 87 -1.58 -15.53 -12.49
CA ILE B 87 -1.58 -16.95 -12.19
C ILE B 87 -0.20 -17.54 -12.45
N GLU B 88 0.40 -17.20 -13.58
CA GLU B 88 1.75 -17.67 -13.88
C GLU B 88 2.75 -17.23 -12.82
N GLU B 89 2.68 -15.95 -12.43
CA GLU B 89 3.58 -15.44 -11.40
C GLU B 89 3.37 -16.15 -10.07
N ALA B 90 2.11 -16.44 -9.74
CA ALA B 90 1.80 -17.15 -8.50
C ALA B 90 2.41 -18.54 -8.50
N HIS B 91 2.36 -19.25 -9.63
CA HIS B 91 3.03 -20.54 -9.74
C HIS B 91 4.53 -20.41 -9.54
N ALA B 92 5.13 -19.35 -10.10
CA ALA B 92 6.56 -19.11 -9.86
C ALA B 92 6.82 -18.84 -8.38
N ILE B 93 5.93 -18.10 -7.71
CA ILE B 93 6.10 -17.85 -6.28
C ILE B 93 6.01 -19.17 -5.50
N VAL B 94 5.02 -20.02 -5.82
CA VAL B 94 4.91 -21.31 -5.15
C VAL B 94 6.18 -22.15 -5.38
N ASP B 95 6.64 -22.22 -6.64
CA ASP B 95 7.91 -22.92 -6.93
C ASP B 95 9.03 -22.39 -6.04
N PHE B 96 9.12 -21.06 -5.96
CA PHE B 96 10.15 -20.41 -5.15
C PHE B 96 10.05 -20.86 -3.69
N VAL B 97 8.85 -20.85 -3.12
CA VAL B 97 8.68 -21.24 -1.73
C VAL B 97 8.96 -22.74 -1.56
N LYS B 98 8.52 -23.56 -2.51
CA LYS B 98 8.79 -25.00 -2.40
C LYS B 98 10.28 -25.31 -2.43
N ARG B 99 11.07 -24.50 -3.12
CA ARG B 99 12.51 -24.72 -3.12
C ARG B 99 13.19 -24.22 -1.85
N ASP B 100 12.47 -23.56 -0.95
CA ASP B 100 13.09 -22.90 0.21
C ASP B 100 13.32 -23.94 1.30
N GLY B 101 14.60 -24.20 1.62
CA GLY B 101 14.95 -25.21 2.61
C GLY B 101 14.46 -24.91 4.02
N ARG B 102 14.07 -23.66 4.29
CA ARG B 102 13.52 -23.32 5.59
C ARG B 102 12.07 -23.76 5.75
N ILE B 103 11.40 -24.10 4.64
CA ILE B 103 9.96 -24.31 4.64
C ILE B 103 9.67 -25.80 4.50
N ASP B 104 8.67 -26.27 5.22
CA ASP B 104 8.19 -27.64 5.08
C ASP B 104 7.27 -27.70 3.87
N PRO B 105 7.70 -28.25 2.74
CA PRO B 105 6.83 -28.24 1.54
C PRO B 105 5.56 -29.03 1.70
N SER B 106 5.43 -29.86 2.75
CA SER B 106 4.17 -30.56 3.00
C SER B 106 3.18 -29.69 3.78
N HIS B 107 3.55 -28.48 4.18
CA HIS B 107 2.63 -27.59 4.86
C HIS B 107 2.72 -26.17 4.28
N ILE B 108 2.50 -26.07 2.97
CA ILE B 108 2.39 -24.79 2.30
C ILE B 108 0.89 -24.51 2.09
N TYR B 109 0.43 -23.37 2.58
CA TYR B 109 -0.97 -22.96 2.49
C TYR B 109 -1.07 -21.75 1.58
N LEU B 110 -2.11 -21.69 0.73
CA LEU B 110 -2.33 -20.52 -0.10
C LEU B 110 -3.46 -19.68 0.47
N LEU B 111 -3.30 -18.35 0.43
CA LEU B 111 -4.33 -17.41 0.85
C LEU B 111 -4.48 -16.35 -0.25
N GLY B 112 -5.71 -15.99 -0.55
CA GLY B 112 -5.96 -14.93 -1.53
C GLY B 112 -7.08 -14.04 -1.08
N LEU B 113 -6.97 -12.75 -1.42
CA LEU B 113 -8.04 -11.80 -1.12
C LEU B 113 -8.70 -11.37 -2.43
N SER B 114 -10.02 -11.55 -2.51
CA SER B 114 -10.85 -11.16 -3.63
C SER B 114 -10.25 -11.70 -4.94
N MET B 115 -9.71 -10.86 -5.83
CA MET B 115 -9.19 -11.43 -7.07
C MET B 115 -7.89 -12.21 -6.82
N GLY B 116 -7.20 -11.93 -5.72
CA GLY B 116 -6.16 -12.83 -5.28
C GLY B 116 -6.69 -14.18 -4.83
N GLY B 117 -7.93 -14.22 -4.34
CA GLY B 117 -8.54 -15.50 -4.00
C GLY B 117 -8.87 -16.32 -5.24
N LEU B 118 -9.30 -15.65 -6.31
CA LEU B 118 -9.47 -16.33 -7.60
C LEU B 118 -8.14 -16.91 -8.07
N VAL B 119 -7.07 -16.13 -8.00
CA VAL B 119 -5.75 -16.63 -8.39
C VAL B 119 -5.34 -17.80 -7.51
N ALA B 120 -5.54 -17.68 -6.19
CA ALA B 120 -5.16 -18.76 -5.30
C ALA B 120 -5.91 -20.05 -5.64
N SER B 121 -7.22 -19.95 -5.88
CA SER B 121 -8.00 -21.16 -6.14
C SER B 121 -7.59 -21.84 -7.46
N VAL B 122 -7.22 -21.06 -8.47
CA VAL B 122 -6.77 -21.67 -9.73
C VAL B 122 -5.42 -22.35 -9.54
N VAL B 123 -4.51 -21.69 -8.83
CA VAL B 123 -3.21 -22.27 -8.57
C VAL B 123 -3.35 -23.56 -7.77
N ALA B 124 -4.20 -23.55 -6.75
CA ALA B 124 -4.43 -24.75 -5.95
C ALA B 124 -5.04 -25.86 -6.79
N GLY B 125 -6.01 -25.54 -7.64
CA GLY B 125 -6.58 -26.53 -8.53
C GLY B 125 -5.56 -27.11 -9.50
N GLU B 126 -4.57 -26.32 -9.89
CA GLU B 126 -3.59 -26.77 -10.87
C GLU B 126 -2.39 -27.48 -10.25
N ARG B 127 -2.22 -27.42 -8.93
CA ARG B 127 -1.18 -28.23 -8.31
C ARG B 127 -1.65 -28.66 -6.93
N PRO B 128 -2.72 -29.46 -6.86
CA PRO B 128 -3.37 -29.72 -5.57
C PRO B 128 -2.44 -30.34 -4.55
N ASN B 129 -1.54 -31.20 -4.97
CA ASN B 129 -0.72 -31.93 -4.02
C ASN B 129 0.38 -31.06 -3.44
N ASP B 130 0.61 -29.86 -3.99
CA ASP B 130 1.54 -28.89 -3.42
C ASP B 130 0.92 -28.03 -2.33
N VAL B 131 -0.40 -28.02 -2.20
CA VAL B 131 -1.12 -27.08 -1.38
C VAL B 131 -1.81 -27.83 -0.25
N ALA B 132 -1.40 -27.56 1.00
CA ALA B 132 -1.96 -28.30 2.12
C ALA B 132 -3.28 -27.72 2.57
N LYS B 133 -3.47 -26.41 2.41
CA LYS B 133 -4.69 -25.73 2.84
C LYS B 133 -4.88 -24.54 1.93
N LEU B 134 -6.13 -24.12 1.76
CA LEU B 134 -6.48 -22.99 0.90
C LEU B 134 -7.37 -22.03 1.69
N ILE B 135 -7.04 -20.74 1.68
CA ILE B 135 -7.83 -19.73 2.37
C ILE B 135 -8.23 -18.68 1.34
N LEU B 136 -9.54 -18.44 1.23
CA LEU B 136 -10.07 -17.48 0.26
C LEU B 136 -10.78 -16.39 1.07
N MET B 137 -10.24 -15.18 1.07
CA MET B 137 -10.94 -14.11 1.77
C MET B 137 -11.68 -13.26 0.75
N ALA B 138 -12.94 -12.94 1.08
CA ALA B 138 -13.81 -12.14 0.22
C ALA B 138 -13.69 -12.58 -1.23
N PRO B 139 -13.83 -13.88 -1.51
CA PRO B 139 -13.38 -14.40 -2.81
C PRO B 139 -14.23 -13.87 -3.95
N ALA B 140 -13.56 -13.55 -5.06
CA ALA B 140 -14.20 -12.98 -6.24
C ALA B 140 -14.21 -14.04 -7.34
N GLY B 141 -15.14 -14.98 -7.23
CA GLY B 141 -15.26 -16.05 -8.20
C GLY B 141 -15.51 -15.56 -9.61
N ASN B 142 -16.73 -15.11 -9.87
CA ASN B 142 -17.06 -14.53 -11.17
C ASN B 142 -17.01 -12.99 -11.08
N MET B 143 -15.84 -12.45 -10.70
CA MET B 143 -15.60 -11.01 -10.80
C MET B 143 -15.89 -10.48 -12.20
N TYR B 144 -15.83 -11.33 -13.23
CA TYR B 144 -16.26 -10.93 -14.57
C TYR B 144 -17.73 -10.49 -14.58
N GLU B 145 -18.61 -11.28 -13.96
CA GLU B 145 -20.00 -10.85 -13.82
C GLU B 145 -20.10 -9.60 -12.95
N LEU B 146 -19.22 -9.46 -11.97
CA LEU B 146 -19.11 -8.27 -11.13
C LEU B 146 -18.40 -7.11 -11.82
N ILE B 147 -18.13 -7.22 -13.12
CA ILE B 147 -17.57 -6.13 -13.93
C ILE B 147 -18.37 -6.05 -15.22
N THR B 148 -18.91 -7.18 -15.67
CA THR B 148 -19.89 -7.17 -16.76
C THR B 148 -21.19 -6.51 -16.33
N GLU B 149 -21.50 -6.60 -15.03
CA GLU B 149 -22.62 -5.85 -14.45
C GLU B 149 -22.19 -4.46 -13.98
N THR B 150 -20.88 -4.25 -13.78
CA THR B 150 -20.37 -2.94 -13.40
C THR B 150 -20.43 -1.93 -14.54
N ILE B 151 -20.46 -2.40 -15.80
CA ILE B 151 -20.60 -1.48 -16.93
C ILE B 151 -21.97 -0.82 -16.96
N ARG B 152 -22.95 -1.42 -16.26
CA ARG B 152 -24.23 -0.75 -16.04
C ARG B 152 -24.06 0.53 -15.22
N GLN B 153 -23.10 0.54 -14.29
CA GLN B 153 -22.83 1.71 -13.46
C GLN B 153 -21.59 2.45 -13.95
N GLU B 154 -20.40 1.89 -13.68
CA GLU B 154 -19.15 2.56 -14.02
C GLU B 154 -19.02 2.81 -15.53
N ASN B 155 -19.55 1.91 -16.35
CA ASN B 155 -19.39 1.93 -17.80
C ASN B 155 -17.90 1.92 -18.15
N ILE B 156 -17.28 0.74 -18.05
CA ILE B 156 -15.89 0.59 -18.45
C ILE B 156 -15.76 0.86 -19.95
N ASP B 157 -14.81 1.73 -20.31
CA ASP B 157 -14.62 2.14 -21.70
C ASP B 157 -14.25 0.93 -22.55
N VAL B 158 -14.87 0.84 -23.74
CA VAL B 158 -14.76 -0.33 -24.60
C VAL B 158 -14.08 -0.04 -25.93
N THR B 159 -13.58 1.18 -26.15
CA THR B 159 -12.84 1.54 -27.37
C THR B 159 -11.58 2.35 -27.06
N ALA B 160 -10.63 1.72 -26.39
CA ALA B 160 -9.34 2.30 -26.04
C ALA B 160 -8.36 1.18 -25.73
N PRO B 161 -7.05 1.43 -25.84
CA PRO B 161 -6.10 0.37 -25.43
C PRO B 161 -6.04 0.15 -23.92
N TYR B 162 -6.22 1.19 -23.11
CA TYR B 162 -6.36 1.05 -21.67
C TYR B 162 -7.62 1.79 -21.22
N PHE B 163 -8.00 1.53 -19.98
CA PHE B 163 -9.15 2.16 -19.32
C PHE B 163 -8.70 2.65 -17.95
N ASP B 164 -9.04 3.88 -17.60
CA ASP B 164 -8.57 4.50 -16.34
C ASP B 164 -9.52 4.13 -15.21
N HIS B 165 -9.03 3.34 -14.24
CA HIS B 165 -9.80 2.95 -13.06
C HIS B 165 -9.27 3.71 -11.84
N GLY B 166 -9.68 4.95 -11.67
CA GLY B 166 -9.28 5.75 -10.51
C GLY B 166 -7.78 6.00 -10.41
N GLY B 167 -7.07 6.09 -11.53
CA GLY B 167 -5.63 6.26 -11.53
C GLY B 167 -4.86 4.99 -11.78
N ASN B 168 -5.54 3.84 -11.73
CA ASN B 168 -5.01 2.55 -12.13
C ASN B 168 -5.49 2.27 -13.55
N LEU B 169 -4.57 2.25 -14.51
CA LEU B 169 -4.90 1.99 -15.90
C LEU B 169 -5.03 0.49 -16.13
N VAL B 170 -6.19 0.06 -16.62
CA VAL B 170 -6.51 -1.35 -16.88
C VAL B 170 -6.41 -1.60 -18.38
N GLY B 171 -5.58 -2.57 -18.77
CA GLY B 171 -5.40 -2.83 -20.18
C GLY B 171 -6.62 -3.51 -20.78
N ARG B 172 -6.82 -3.28 -22.08
CA ARG B 172 -7.84 -4.02 -22.81
C ARG B 172 -7.72 -5.52 -22.58
N SER B 173 -6.49 -6.05 -22.58
CA SER B 173 -6.33 -7.49 -22.46
C SER B 173 -6.90 -8.02 -21.15
N PHE B 174 -6.97 -7.19 -20.09
CA PHE B 174 -7.41 -7.70 -18.80
C PHE B 174 -8.84 -8.24 -18.88
N LEU B 175 -9.74 -7.47 -19.49
CA LEU B 175 -11.14 -7.91 -19.57
C LEU B 175 -11.28 -9.14 -20.46
N GLU B 176 -10.57 -9.14 -21.58
CA GLU B 176 -10.67 -10.23 -22.54
C GLU B 176 -10.10 -11.51 -21.95
N ASP B 177 -8.96 -11.41 -21.27
CA ASP B 177 -8.37 -12.59 -20.63
C ASP B 177 -9.26 -13.10 -19.51
N LEU B 178 -9.87 -12.19 -18.74
CA LEU B 178 -10.68 -12.61 -17.61
C LEU B 178 -11.92 -13.38 -18.04
N GLN B 179 -12.43 -13.13 -19.26
CA GLN B 179 -13.57 -13.89 -19.75
C GLN B 179 -13.19 -15.31 -20.13
N THR B 180 -11.95 -15.52 -20.59
CA THR B 180 -11.48 -16.85 -20.97
C THR B 180 -11.13 -17.74 -19.79
N ILE B 181 -11.29 -17.28 -18.56
CA ILE B 181 -10.81 -18.02 -17.39
C ILE B 181 -11.98 -18.79 -16.80
N ASN B 182 -11.92 -20.12 -16.91
CA ASN B 182 -12.94 -20.99 -16.32
C ASN B 182 -12.50 -21.35 -14.91
N VAL B 183 -12.99 -20.58 -13.93
CA VAL B 183 -12.56 -20.79 -12.55
C VAL B 183 -13.02 -22.14 -12.04
N PHE B 184 -14.28 -22.51 -12.34
CA PHE B 184 -14.79 -23.82 -11.91
C PHE B 184 -13.88 -24.96 -12.36
N GLU B 185 -13.62 -25.06 -13.67
CA GLU B 185 -12.89 -26.24 -14.13
C GLU B 185 -11.41 -26.20 -13.77
N ARG B 186 -10.86 -25.01 -13.53
CA ARG B 186 -9.46 -24.96 -13.13
C ARG B 186 -9.28 -25.11 -11.62
N ALA B 187 -10.24 -24.66 -10.81
CA ALA B 187 -10.10 -24.73 -9.36
C ALA B 187 -10.53 -26.07 -8.77
N LYS B 188 -11.48 -26.74 -9.41
CA LYS B 188 -12.15 -27.88 -8.76
C LYS B 188 -11.26 -29.07 -8.44
N PRO B 189 -10.11 -29.30 -9.09
CA PRO B 189 -9.30 -30.48 -8.68
C PRO B 189 -8.72 -30.39 -7.27
N TYR B 190 -8.67 -29.21 -6.63
CA TYR B 190 -8.15 -29.13 -5.27
C TYR B 190 -9.15 -29.71 -4.27
N ASP B 191 -8.70 -30.69 -3.48
CA ASP B 191 -9.53 -31.40 -2.50
C ASP B 191 -9.13 -31.17 -1.05
N GLY B 192 -8.25 -30.24 -0.76
CA GLY B 192 -7.86 -30.03 0.61
C GLY B 192 -8.87 -29.19 1.33
N PRO B 193 -8.61 -28.93 2.60
CA PRO B 193 -9.51 -28.07 3.36
C PRO B 193 -9.45 -26.67 2.77
N VAL B 194 -10.61 -26.00 2.77
CA VAL B 194 -10.74 -24.63 2.24
C VAL B 194 -11.48 -23.81 3.28
N LEU B 195 -10.91 -22.66 3.64
CA LEU B 195 -11.55 -21.69 4.51
C LEU B 195 -12.01 -20.52 3.66
N LEU B 196 -13.27 -20.15 3.79
CA LEU B 196 -13.81 -18.95 3.14
C LEU B 196 -14.23 -17.96 4.20
N ILE B 197 -13.72 -16.73 4.09
CA ILE B 197 -13.99 -15.67 5.03
C ILE B 197 -14.63 -14.53 4.25
N HIS B 198 -15.83 -14.13 4.65
CA HIS B 198 -16.56 -13.14 3.90
C HIS B 198 -17.31 -12.23 4.85
N GLY B 199 -17.24 -10.93 4.62
CA GLY B 199 -18.04 -9.99 5.40
C GLY B 199 -19.50 -10.00 4.93
N THR B 200 -20.41 -9.90 5.89
CA THR B 200 -21.83 -9.96 5.56
C THR B 200 -22.36 -8.66 4.95
N GLU B 201 -21.57 -7.60 4.96
CA GLU B 201 -21.95 -6.35 4.32
C GLU B 201 -21.02 -6.03 3.16
N ASP B 202 -20.44 -7.07 2.56
CA ASP B 202 -19.52 -6.89 1.44
C ASP B 202 -20.31 -6.39 0.24
N ASP B 203 -20.03 -5.15 -0.16
CA ASP B 203 -20.73 -4.51 -1.27
C ASP B 203 -19.93 -4.59 -2.57
N VAL B 204 -18.72 -5.14 -2.53
CA VAL B 204 -17.95 -5.39 -3.74
C VAL B 204 -18.22 -6.80 -4.28
N VAL B 205 -18.26 -7.79 -3.40
CA VAL B 205 -18.55 -9.17 -3.77
C VAL B 205 -19.76 -9.63 -2.92
N PRO B 206 -20.81 -10.16 -3.54
CA PRO B 206 -22.02 -10.49 -2.76
C PRO B 206 -21.79 -11.62 -1.77
N HIS B 207 -22.76 -11.74 -0.85
CA HIS B 207 -22.71 -12.74 0.21
C HIS B 207 -22.64 -14.16 -0.33
N ARG B 208 -23.24 -14.41 -1.49
CA ARG B 208 -23.47 -15.74 -2.03
C ARG B 208 -22.32 -16.27 -2.88
N VAL B 209 -21.31 -15.46 -3.18
CA VAL B 209 -20.16 -15.96 -3.92
C VAL B 209 -19.37 -16.95 -3.07
N SER B 210 -19.14 -16.62 -1.79
CA SER B 210 -18.59 -17.59 -0.86
C SER B 210 -19.48 -18.83 -0.75
N HIS B 211 -20.79 -18.67 -0.91
CA HIS B 211 -21.67 -19.83 -1.03
C HIS B 211 -21.40 -20.59 -2.32
N LEU B 212 -21.23 -19.86 -3.44
CA LEU B 212 -21.01 -20.52 -4.73
C LEU B 212 -19.72 -21.33 -4.73
N TYR B 213 -18.63 -20.77 -4.18
CA TYR B 213 -17.41 -21.55 -4.00
C TYR B 213 -17.69 -22.78 -3.15
N GLU B 214 -18.33 -22.58 -1.99
CA GLU B 214 -18.61 -23.69 -1.08
C GLU B 214 -19.48 -24.74 -1.74
N GLN B 215 -20.32 -24.35 -2.70
CA GLN B 215 -21.17 -25.32 -3.37
C GLN B 215 -20.51 -25.96 -4.59
N LEU B 216 -19.92 -25.13 -5.46
CA LEU B 216 -19.54 -25.60 -6.79
C LEU B 216 -18.15 -26.21 -6.84
N CYS B 217 -17.16 -25.62 -6.18
CA CYS B 217 -15.80 -26.14 -6.30
C CYS B 217 -15.42 -27.13 -5.21
N TYR B 218 -15.93 -26.97 -3.99
CA TYR B 218 -15.31 -27.61 -2.83
C TYR B 218 -16.29 -28.44 -2.02
N GLY B 219 -17.54 -27.99 -1.97
CA GLY B 219 -18.58 -28.80 -1.32
C GLY B 219 -18.33 -28.92 0.16
N SER B 220 -18.36 -30.15 0.65
CA SER B 220 -18.23 -30.42 2.07
C SER B 220 -16.86 -30.04 2.64
N ARG B 221 -15.84 -29.80 1.81
CA ARG B 221 -14.55 -29.62 2.45
C ARG B 221 -14.29 -28.15 2.72
N ALA B 222 -15.22 -27.28 2.32
CA ALA B 222 -15.14 -25.85 2.56
C ALA B 222 -15.79 -25.52 3.88
N THR B 223 -15.17 -24.59 4.61
CA THR B 223 -15.74 -23.99 5.80
C THR B 223 -15.96 -22.52 5.49
N VAL B 224 -17.21 -22.07 5.64
CA VAL B 224 -17.56 -20.68 5.43
C VAL B 224 -17.61 -20.00 6.80
N HIS B 225 -16.82 -18.95 6.97
CA HIS B 225 -16.84 -18.16 8.19
C HIS B 225 -17.24 -16.74 7.82
N LEU B 226 -18.40 -16.31 8.32
CA LEU B 226 -18.91 -14.98 8.03
C LEU B 226 -18.44 -14.00 9.11
N ILE B 227 -18.12 -12.80 8.68
CA ILE B 227 -17.75 -11.72 9.60
C ILE B 227 -18.94 -10.77 9.62
N GLU B 228 -19.64 -10.74 10.75
CA GLU B 228 -20.90 -10.00 10.84
C GLU B 228 -20.65 -8.50 10.71
N GLY B 229 -21.22 -7.90 9.67
CA GLY B 229 -21.15 -6.46 9.47
C GLY B 229 -19.99 -5.97 8.64
N ALA B 230 -19.02 -6.82 8.32
CA ALA B 230 -17.81 -6.39 7.66
C ALA B 230 -18.03 -6.12 6.17
N ASN B 231 -17.39 -5.08 5.68
CA ASN B 231 -17.35 -4.78 4.25
C ASN B 231 -16.28 -5.64 3.59
N HIS B 232 -16.01 -5.32 2.32
CA HIS B 232 -15.18 -6.18 1.46
C HIS B 232 -13.82 -6.49 2.08
N THR B 233 -13.10 -5.46 2.54
CA THR B 233 -11.74 -5.65 3.03
C THR B 233 -11.65 -5.56 4.55
N PHE B 234 -12.75 -5.81 5.26
CA PHE B 234 -12.75 -5.97 6.73
C PHE B 234 -12.15 -4.74 7.41
N ASP B 235 -12.66 -3.58 7.03
CA ASP B 235 -12.16 -2.28 7.48
C ASP B 235 -12.71 -1.93 8.86
N GLY B 236 -12.34 -2.74 9.84
CA GLY B 236 -12.74 -2.50 11.21
C GLY B 236 -11.95 -3.37 12.15
N HIS B 237 -11.63 -2.85 13.34
CA HIS B 237 -10.72 -3.56 14.22
C HIS B 237 -11.32 -4.87 14.74
N ARG B 238 -12.57 -4.83 15.19
CA ARG B 238 -13.19 -6.07 15.66
C ARG B 238 -13.30 -7.09 14.53
N TRP B 239 -13.71 -6.65 13.33
CA TRP B 239 -13.76 -7.56 12.19
C TRP B 239 -12.39 -8.15 11.89
N GLU B 240 -11.38 -7.30 11.78
CA GLU B 240 -10.04 -7.77 11.46
C GLU B 240 -9.55 -8.77 12.52
N THR B 241 -9.81 -8.48 13.80
CA THR B 241 -9.43 -9.39 14.87
C THR B 241 -10.04 -10.77 14.68
N GLU B 242 -11.32 -10.81 14.30
CA GLU B 242 -11.95 -12.11 14.06
C GLU B 242 -11.36 -12.79 12.84
N VAL B 243 -11.10 -12.03 11.76
CA VAL B 243 -10.48 -12.59 10.57
C VAL B 243 -9.18 -13.31 10.92
N ILE B 244 -8.34 -12.67 11.71
CA ILE B 244 -7.04 -13.22 12.05
C ILE B 244 -7.19 -14.46 12.94
N LYS B 245 -8.11 -14.39 13.91
CA LYS B 245 -8.35 -15.54 14.78
C LYS B 245 -8.84 -16.73 13.98
N THR B 246 -9.71 -16.49 13.01
CA THR B 246 -10.23 -17.58 12.17
C THR B 246 -9.13 -18.22 11.36
N ILE B 247 -8.28 -17.40 10.73
CA ILE B 247 -7.16 -17.93 9.96
C ILE B 247 -6.24 -18.77 10.85
N LEU B 248 -5.94 -18.24 12.05
CA LEU B 248 -5.00 -18.94 12.93
C LEU B 248 -5.57 -20.27 13.39
N GLY B 249 -6.86 -20.31 13.71
CA GLY B 249 -7.49 -21.59 14.07
C GLY B 249 -7.45 -22.58 12.93
N PHE B 250 -7.67 -22.12 11.70
CA PHE B 250 -7.72 -22.99 10.53
C PHE B 250 -6.36 -23.58 10.17
N VAL B 251 -5.27 -22.85 10.41
CA VAL B 251 -3.95 -23.36 10.01
C VAL B 251 -3.19 -24.02 11.15
N SER B 252 -3.71 -23.94 12.38
CA SER B 252 -3.04 -24.51 13.55
C SER B 252 -2.87 -26.02 13.46
#